data_6UTS
#
_entry.id   6UTS
#
_cell.length_a   108.870
_cell.length_b   108.870
_cell.length_c   83.368
_cell.angle_alpha   90.000
_cell.angle_beta   90.000
_cell.angle_gamma   90.000
#
_symmetry.space_group_name_H-M   'P 43 21 2'
#
loop_
_entity.id
_entity.type
_entity.pdbx_description
1 polymer 'Quercetin 2,3-dioxygenase'
2 non-polymer 'NICKEL (II) ION'
#
_entity_poly.entity_id   1
_entity_poly.type   'polypeptide(L)'
_entity_poly.pdbx_seq_one_letter_code
;MIYLRKANERGHANHGWLDSWHTFSFANYYDPNFMGFSALRVINDDVIEAGQGFGTHPHKDMEILTYVLEGTVEHQDSMG
NKEQVPAGEFQIMSAGTGIRHSEYNPSSTERLHLYQIWIMPEENGITPRYEQRRFDAVQGKQLVLSPDARDGSLKVHQDM
ELYRWALLKDEQSVHQIAAERRVWIQVVKGNVTINGVKASTSDGLAIWDEQAISIHADSDSEVLLFDLPPV
;
_entity_poly.pdbx_strand_id   A
#
loop_
_chem_comp.id
_chem_comp.type
_chem_comp.name
_chem_comp.formula
NI non-polymer 'NICKEL (II) ION' 'Ni 2'
#
# COMPACT_ATOMS: atom_id res chain seq x y z
N MET A 1 -10.17 15.45 13.73
CA MET A 1 -8.75 15.15 13.52
C MET A 1 -8.58 13.90 12.65
N ILE A 2 -9.38 13.83 11.58
CA ILE A 2 -9.54 12.67 10.71
C ILE A 2 -9.97 13.15 9.33
N TYR A 3 -9.16 12.87 8.30
CA TYR A 3 -9.47 13.29 6.94
C TYR A 3 -9.83 12.10 6.08
N LEU A 4 -10.95 12.19 5.35
CA LEU A 4 -11.42 11.12 4.48
C LEU A 4 -11.13 11.45 3.02
N ARG A 5 -10.18 10.74 2.41
CA ARG A 5 -9.95 10.81 0.96
C ARG A 5 -10.87 9.81 0.29
N LYS A 6 -11.97 10.29 -0.30
CA LYS A 6 -12.88 9.39 -0.99
C LYS A 6 -12.28 8.91 -2.31
N ALA A 7 -12.65 7.68 -2.66
CA ALA A 7 -12.05 7.01 -3.81
C ALA A 7 -12.06 7.91 -5.05
N ASN A 8 -13.21 8.50 -5.37
CA ASN A 8 -13.37 9.28 -6.59
C ASN A 8 -12.80 10.70 -6.48
N GLU A 9 -12.02 11.02 -5.45
CA GLU A 9 -11.27 12.26 -5.41
C GLU A 9 -9.77 11.97 -5.42
N ARG A 10 -9.40 10.74 -5.72
CA ARG A 10 -8.02 10.44 -6.08
C ARG A 10 -7.76 10.96 -7.49
N GLY A 11 -6.52 11.40 -7.72
CA GLY A 11 -6.11 11.69 -9.07
C GLY A 11 -6.33 10.53 -10.00
N HIS A 12 -7.01 10.77 -11.12
CA HIS A 12 -7.23 9.74 -12.12
C HIS A 12 -6.32 9.98 -13.31
N ALA A 13 -5.69 8.90 -13.79
CA ALA A 13 -4.85 8.90 -14.98
C ALA A 13 -5.05 7.56 -15.68
N ASN A 14 -5.90 7.51 -16.68
CA ASN A 14 -5.97 6.36 -17.57
C ASN A 14 -5.01 6.56 -18.74
N HIS A 15 -4.26 5.51 -19.12
CA HIS A 15 -3.29 5.56 -20.20
C HIS A 15 -3.57 4.60 -21.34
N GLY A 16 -4.69 3.89 -21.33
CA GLY A 16 -4.98 2.95 -22.40
C GLY A 16 -4.59 1.53 -22.04
N TRP A 17 -3.38 1.37 -21.53
CA TRP A 17 -2.91 0.10 -20.97
C TRP A 17 -2.97 0.09 -19.45
N LEU A 18 -2.83 1.28 -18.84
CA LEU A 18 -2.78 1.45 -17.39
C LEU A 18 -3.81 2.48 -16.96
N ASP A 19 -4.92 2.03 -16.36
CA ASP A 19 -5.78 2.92 -15.58
C ASP A 19 -5.28 2.95 -14.13
N SER A 20 -5.23 4.14 -13.54
CA SER A 20 -4.57 4.29 -12.25
C SER A 20 -5.16 5.44 -11.44
N TRP A 21 -5.28 5.27 -10.11
CA TRP A 21 -5.82 6.30 -9.22
C TRP A 21 -4.81 6.59 -8.13
N HIS A 22 -4.56 7.87 -7.90
CA HIS A 22 -3.46 8.32 -7.06
C HIS A 22 -4.01 8.98 -5.82
N THR A 23 -3.76 8.35 -4.66
CA THR A 23 -4.06 8.97 -3.39
C THR A 23 -3.23 10.22 -3.15
N PHE A 24 -2.04 10.30 -3.72
CA PHE A 24 -1.22 11.48 -3.51
C PHE A 24 -0.75 12.00 -4.87
N SER A 25 -0.05 13.12 -4.85
CA SER A 25 0.57 13.62 -6.07
C SER A 25 1.57 12.58 -6.58
N PHE A 26 1.59 12.41 -7.91
CA PHE A 26 2.38 11.39 -8.59
C PHE A 26 2.25 11.58 -10.10
N ALA A 27 3.38 11.59 -10.83
CA ALA A 27 3.41 11.77 -12.29
C ALA A 27 2.67 13.04 -12.71
N ASN A 28 1.89 12.97 -13.80
CA ASN A 28 1.11 14.12 -14.26
C ASN A 28 -0.21 14.22 -13.48
N TYR A 29 -0.04 14.38 -12.16
CA TYR A 29 -1.13 14.64 -11.23
C TYR A 29 -0.53 15.37 -10.04
N TYR A 30 -0.82 16.67 -9.91
CA TYR A 30 -0.25 17.42 -8.82
C TYR A 30 -1.31 18.22 -8.07
N ASP A 31 -1.30 18.05 -6.72
CA ASP A 31 -2.07 18.77 -5.70
C ASP A 31 -1.25 18.95 -4.41
N PRO A 32 -1.00 20.19 -3.99
CA PRO A 32 -0.14 20.39 -2.81
C PRO A 32 -0.72 19.83 -1.51
N ASN A 33 -2.05 19.80 -1.37
CA ASN A 33 -2.64 19.14 -0.20
C ASN A 33 -2.33 17.65 -0.21
N PHE A 34 -2.83 16.94 -1.23
CA PHE A 34 -2.59 15.51 -1.39
C PHE A 34 -1.11 15.16 -1.63
N MET A 35 -0.18 15.75 -0.86
CA MET A 35 1.23 15.48 -1.13
C MET A 35 1.66 14.12 -0.60
N GLY A 36 1.77 13.99 0.72
CA GLY A 36 2.03 12.71 1.34
C GLY A 36 1.41 12.70 2.72
N PHE A 37 1.53 11.55 3.39
CA PHE A 37 1.16 11.40 4.80
C PHE A 37 2.31 10.72 5.52
N SER A 38 2.93 11.45 6.46
CA SER A 38 4.10 10.99 7.21
C SER A 38 5.12 10.37 6.26
N ALA A 39 5.33 9.06 6.34
CA ALA A 39 6.25 8.39 5.43
C ALA A 39 5.56 7.81 4.20
N LEU A 40 4.24 7.58 4.26
CA LEU A 40 3.49 7.19 3.07
C LEU A 40 3.56 8.33 2.06
N ARG A 41 4.26 8.12 0.95
CA ARG A 41 4.38 9.14 -0.06
C ARG A 41 3.54 8.85 -1.29
N VAL A 42 3.15 7.60 -1.52
CA VAL A 42 2.43 7.22 -2.73
C VAL A 42 1.57 6.02 -2.43
N ILE A 43 0.27 6.13 -2.73
CA ILE A 43 -0.65 4.98 -2.81
C ILE A 43 -1.28 5.04 -4.18
N ASN A 44 -0.91 4.11 -5.05
CA ASN A 44 -1.45 4.01 -6.41
C ASN A 44 -2.24 2.73 -6.57
N ASP A 45 -3.40 2.85 -7.16
CA ASP A 45 -4.38 1.77 -7.33
C ASP A 45 -4.49 1.49 -8.84
N ASP A 46 -3.67 0.53 -9.32
CA ASP A 46 -3.41 0.34 -10.75
C ASP A 46 -4.11 -0.87 -11.31
N VAL A 47 -4.76 -0.71 -12.46
CA VAL A 47 -5.19 -1.83 -13.28
C VAL A 47 -4.33 -1.80 -14.54
N ILE A 48 -3.74 -2.94 -14.89
CA ILE A 48 -2.84 -3.06 -16.02
C ILE A 48 -3.43 -4.11 -16.93
N GLU A 49 -4.03 -3.67 -18.05
CA GLU A 49 -4.69 -4.57 -18.99
C GLU A 49 -3.79 -5.75 -19.36
N ALA A 50 -4.40 -6.85 -19.80
CA ALA A 50 -3.63 -8.05 -20.09
C ALA A 50 -2.47 -7.76 -21.03
N GLY A 51 -1.35 -8.42 -20.77
CA GLY A 51 -0.21 -8.35 -21.65
C GLY A 51 0.64 -7.11 -21.53
N GLN A 52 0.19 -6.09 -20.82
CA GLN A 52 0.92 -4.84 -20.77
C GLN A 52 1.75 -4.73 -19.50
N GLY A 53 2.57 -3.69 -19.44
CA GLY A 53 3.38 -3.46 -18.26
C GLY A 53 4.29 -2.26 -18.45
N PHE A 54 4.91 -1.88 -17.34
CA PHE A 54 5.93 -0.83 -17.34
C PHE A 54 7.25 -1.36 -17.92
N GLY A 55 7.92 -0.54 -18.72
CA GLY A 55 9.22 -0.92 -19.24
C GLY A 55 10.33 -0.66 -18.24
N THR A 56 11.55 -1.03 -18.67
CA THR A 56 12.74 -0.92 -17.84
C THR A 56 12.96 0.51 -17.35
N HIS A 57 12.66 0.78 -16.10
CA HIS A 57 12.84 2.09 -15.49
C HIS A 57 13.66 1.95 -14.22
N PRO A 58 14.23 3.07 -13.71
CA PRO A 58 15.05 3.01 -12.49
C PRO A 58 14.53 3.75 -11.26
N HIS A 59 14.33 3.05 -10.15
CA HIS A 59 14.09 3.64 -8.83
C HIS A 59 15.38 3.79 -8.04
N LYS A 60 15.35 4.69 -7.06
CA LYS A 60 16.45 4.87 -6.12
C LYS A 60 15.97 5.50 -4.82
N ASP A 61 16.38 4.90 -3.71
CA ASP A 61 16.22 5.43 -2.35
C ASP A 61 14.73 5.59 -2.00
N MET A 62 14.09 4.43 -1.87
CA MET A 62 12.65 4.30 -1.67
C MET A 62 12.31 2.87 -1.32
N GLU A 63 11.55 2.65 -0.24
CA GLU A 63 11.02 1.32 0.06
C GLU A 63 9.65 1.20 -0.63
N ILE A 64 9.59 0.42 -1.72
CA ILE A 64 8.38 0.24 -2.53
C ILE A 64 7.68 -1.05 -2.13
N LEU A 65 6.38 -0.97 -1.90
CA LEU A 65 5.54 -2.14 -1.63
C LEU A 65 4.50 -2.33 -2.73
N THR A 66 4.40 -3.55 -3.24
CA THR A 66 3.31 -3.97 -4.11
C THR A 66 2.41 -4.95 -3.39
N TYR A 67 1.10 -4.74 -3.49
CA TYR A 67 0.09 -5.66 -2.99
C TYR A 67 -0.81 -6.03 -4.17
N VAL A 68 -0.73 -7.28 -4.60
CA VAL A 68 -1.48 -7.72 -5.77
C VAL A 68 -2.87 -8.13 -5.31
N LEU A 69 -3.89 -7.64 -6.01
CA LEU A 69 -5.27 -7.97 -5.67
C LEU A 69 -5.94 -8.86 -6.70
N GLU A 70 -5.64 -8.72 -7.97
CA GLU A 70 -6.17 -9.59 -9.00
C GLU A 70 -5.04 -9.99 -9.94
N GLY A 71 -5.23 -11.09 -10.67
CA GLY A 71 -4.26 -11.54 -11.65
C GLY A 71 -2.88 -11.77 -11.07
N THR A 72 -1.84 -11.57 -11.90
CA THR A 72 -0.46 -11.83 -11.49
C THR A 72 0.43 -10.73 -12.05
N VAL A 73 1.61 -10.54 -11.45
CA VAL A 73 2.60 -9.59 -11.98
C VAL A 73 3.97 -10.25 -12.03
N GLU A 74 4.58 -10.31 -13.22
CA GLU A 74 5.98 -10.68 -13.37
C GLU A 74 6.88 -9.48 -13.12
N HIS A 75 8.06 -9.74 -12.54
CA HIS A 75 8.94 -8.66 -12.12
C HIS A 75 10.37 -9.05 -12.50
N GLN A 76 11.04 -8.21 -13.30
CA GLN A 76 12.36 -8.50 -13.89
C GLN A 76 13.37 -7.45 -13.45
N ASP A 77 14.27 -7.83 -12.52
CA ASP A 77 15.25 -6.93 -11.94
C ASP A 77 16.57 -6.96 -12.73
N SER A 78 17.42 -5.99 -12.43
CA SER A 78 18.80 -5.99 -12.88
C SER A 78 19.60 -5.05 -12.00
N GLY A 80 18.83 -9.13 -10.91
CA GLY A 80 18.59 -9.88 -12.14
C GLY A 80 17.36 -10.78 -12.11
N ASN A 81 16.41 -10.44 -11.24
CA ASN A 81 15.29 -11.31 -10.88
C ASN A 81 14.32 -11.51 -12.04
N LYS A 82 13.45 -12.52 -11.89
CA LYS A 82 12.34 -12.80 -12.79
C LYS A 82 11.30 -13.66 -12.06
N GLU A 83 10.95 -13.27 -10.83
CA GLU A 83 9.94 -13.95 -10.04
C GLU A 83 8.57 -13.27 -10.19
N GLN A 84 7.52 -14.09 -10.18
CA GLN A 84 6.14 -13.60 -10.25
C GLN A 84 5.60 -13.29 -8.85
N VAL A 85 4.40 -12.73 -8.79
CA VAL A 85 3.72 -12.42 -7.53
C VAL A 85 2.23 -12.58 -7.80
N PRO A 86 1.55 -13.57 -7.19
CA PRO A 86 0.12 -13.79 -7.50
C PRO A 86 -0.85 -13.07 -6.57
N ALA A 87 -2.14 -13.17 -6.87
CA ALA A 87 -3.15 -12.41 -6.14
C ALA A 87 -3.15 -12.84 -4.67
N GLY A 88 -2.92 -11.89 -3.78
CA GLY A 88 -2.88 -12.13 -2.35
C GLY A 88 -1.53 -11.95 -1.70
N GLU A 89 -0.43 -11.92 -2.45
CA GLU A 89 0.89 -11.77 -1.86
C GLU A 89 1.42 -10.36 -2.04
N PHE A 90 2.09 -9.86 -1.00
CA PHE A 90 2.83 -8.61 -1.04
C PHE A 90 4.24 -8.85 -1.60
N GLN A 91 4.95 -7.76 -1.92
CA GLN A 91 6.31 -7.89 -2.40
C GLN A 91 6.99 -6.55 -2.24
N ILE A 92 7.97 -6.48 -1.36
CA ILE A 92 8.65 -5.21 -1.14
C ILE A 92 9.95 -5.17 -1.95
N MET A 93 10.68 -4.05 -1.86
CA MET A 93 11.93 -3.81 -2.56
C MET A 93 12.49 -2.47 -2.13
N SER A 94 13.31 -2.42 -1.08
CA SER A 94 14.01 -1.18 -0.75
C SER A 94 15.13 -0.98 -1.75
N ALA A 95 15.28 0.26 -2.27
CA ALA A 95 16.13 0.53 -3.43
C ALA A 95 17.43 1.26 -3.08
N GLY A 96 17.37 2.22 -2.15
CA GLY A 96 18.55 2.88 -1.62
C GLY A 96 19.53 3.48 -2.61
N THR A 97 20.60 2.72 -2.91
CA THR A 97 21.69 3.20 -3.77
C THR A 97 21.23 3.37 -5.21
N GLY A 98 20.34 2.51 -5.66
CA GLY A 98 19.76 2.53 -6.99
C GLY A 98 19.42 1.12 -7.42
N ILE A 99 18.41 1.02 -8.27
CA ILE A 99 18.07 -0.24 -8.93
C ILE A 99 17.35 0.08 -10.25
N ARG A 100 17.11 -0.97 -11.02
CA ARG A 100 16.42 -0.89 -12.29
C ARG A 100 15.61 -2.16 -12.44
N HIS A 101 14.29 -2.01 -12.54
CA HIS A 101 13.34 -3.11 -12.66
C HIS A 101 12.35 -2.79 -13.77
N SER A 102 11.59 -3.82 -14.15
CA SER A 102 10.50 -3.63 -15.11
C SER A 102 9.41 -4.65 -14.79
N GLU A 103 8.22 -4.14 -14.47
CA GLU A 103 7.06 -4.93 -14.04
C GLU A 103 6.04 -5.01 -15.16
N TYR A 104 5.38 -6.16 -15.30
CA TYR A 104 4.41 -6.38 -16.37
C TYR A 104 3.36 -7.40 -15.94
N ASN A 105 2.37 -7.58 -16.81
CA ASN A 105 1.26 -8.50 -16.56
C ASN A 105 1.50 -9.74 -17.39
N PRO A 106 1.80 -10.89 -16.77
CA PRO A 106 2.14 -12.09 -17.56
C PRO A 106 0.95 -12.72 -18.26
N SER A 107 -0.27 -12.58 -17.75
CA SER A 107 -1.37 -13.23 -18.43
C SER A 107 -1.72 -12.47 -19.71
N SER A 108 -2.21 -13.21 -20.69
CA SER A 108 -2.77 -12.65 -21.91
C SER A 108 -4.29 -12.72 -21.93
N THR A 109 -4.88 -13.26 -20.86
CA THR A 109 -6.31 -13.35 -20.68
C THR A 109 -6.78 -12.61 -19.44
N GLU A 110 -5.88 -12.06 -18.65
CA GLU A 110 -6.24 -11.63 -17.31
C GLU A 110 -5.71 -10.24 -17.01
N ARG A 111 -6.57 -9.41 -16.47
CA ARG A 111 -6.12 -8.11 -16.01
C ARG A 111 -5.37 -8.27 -14.70
N LEU A 112 -4.36 -7.45 -14.51
CA LEU A 112 -3.66 -7.33 -13.25
C LEU A 112 -4.11 -6.06 -12.54
N HIS A 113 -4.45 -6.18 -11.26
CA HIS A 113 -4.91 -5.06 -10.46
C HIS A 113 -4.17 -5.06 -9.13
N LEU A 114 -3.46 -3.97 -8.82
CA LEU A 114 -2.68 -3.97 -7.59
C LEU A 114 -2.60 -2.58 -6.98
N TYR A 115 -2.16 -2.56 -5.73
CA TYR A 115 -1.78 -1.35 -5.03
C TYR A 115 -0.27 -1.17 -5.11
N GLN A 116 0.17 0.05 -5.42
CA GLN A 116 1.57 0.46 -5.40
C GLN A 116 1.81 1.43 -4.26
N ILE A 117 2.67 1.06 -3.32
CA ILE A 117 2.85 1.83 -2.09
C ILE A 117 4.31 2.28 -2.02
N TRP A 118 4.53 3.50 -1.56
CA TRP A 118 5.89 4.07 -1.52
C TRP A 118 6.09 4.69 -0.15
N ILE A 119 7.09 4.22 0.58
CA ILE A 119 7.37 4.72 1.92
C ILE A 119 8.81 5.24 1.93
N MET A 120 8.98 6.52 2.27
CA MET A 120 10.27 7.18 2.39
C MET A 120 11.12 6.44 3.42
N PRO A 121 12.28 5.91 3.04
CA PRO A 121 13.08 5.14 3.99
C PRO A 121 13.86 6.04 4.94
N GLU A 122 14.23 5.45 6.09
CA GLU A 122 14.85 6.21 7.18
C GLU A 122 16.25 6.74 6.84
N GLU A 123 16.84 6.31 5.72
CA GLU A 123 18.12 6.82 5.20
C GLU A 123 18.31 6.31 3.77
N ASN A 124 19.05 7.08 2.96
CA ASN A 124 19.31 6.67 1.58
C ASN A 124 20.53 5.76 1.50
N GLY A 125 20.79 5.27 0.29
CA GLY A 125 21.99 4.50 0.02
C GLY A 125 22.06 3.18 0.71
N ILE A 126 20.94 2.59 1.08
CA ILE A 126 20.97 1.27 1.69
C ILE A 126 21.04 0.24 0.57
N THR A 127 21.35 -0.98 0.92
CA THR A 127 21.61 -2.01 -0.07
C THR A 127 20.29 -2.47 -0.68
N PRO A 128 20.16 -2.42 -2.03
CA PRO A 128 19.02 -3.07 -2.69
C PRO A 128 18.69 -4.45 -2.12
N ARG A 129 17.41 -4.81 -2.11
CA ARG A 129 16.86 -6.01 -1.48
C ARG A 129 15.40 -6.16 -1.91
N TYR A 130 14.91 -7.41 -1.90
CA TYR A 130 13.63 -7.74 -2.52
C TYR A 130 12.95 -8.96 -1.87
N GLU A 131 12.27 -8.79 -0.74
CA GLU A 131 11.51 -9.87 -0.11
C GLU A 131 10.09 -9.91 -0.68
N GLN A 132 9.39 -11.03 -0.45
CA GLN A 132 8.15 -11.25 -1.18
C GLN A 132 7.30 -12.38 -0.59
N ARG A 133 6.45 -12.12 0.41
CA ARG A 133 5.77 -13.18 1.15
C ARG A 133 4.28 -13.28 0.84
N ARG A 134 3.66 -14.35 1.34
CA ARG A 134 2.25 -14.66 1.05
C ARG A 134 1.30 -14.26 2.17
N PHE A 135 1.51 -13.08 2.77
CA PHE A 135 0.76 -12.62 3.94
C PHE A 135 -0.47 -11.71 3.59
N ALA A 137 -5.09 -13.93 4.20
CA ALA A 137 -5.91 -14.68 5.16
C ALA A 137 -7.39 -14.28 5.12
N VAL A 138 -8.15 -14.75 6.11
CA VAL A 138 -9.60 -14.69 6.10
C VAL A 138 -10.21 -14.12 7.39
N GLN A 139 -9.53 -14.21 8.53
CA GLN A 139 -9.82 -13.36 9.68
C GLN A 139 -8.48 -12.96 10.30
N GLY A 140 -8.52 -11.97 11.16
CA GLY A 140 -7.34 -11.54 11.88
C GLY A 140 -6.65 -10.34 11.25
N LYS A 141 -5.77 -9.74 12.04
CA LYS A 141 -4.97 -8.59 11.67
C LYS A 141 -3.53 -9.05 11.41
N GLN A 142 -3.20 -9.34 10.14
CA GLN A 142 -1.85 -9.75 9.80
C GLN A 142 -0.89 -8.59 9.93
N LEU A 143 0.37 -8.90 10.21
CA LEU A 143 1.45 -7.93 10.27
C LEU A 143 2.30 -8.11 9.03
N VAL A 144 2.27 -7.14 8.14
CA VAL A 144 2.89 -7.26 6.84
C VAL A 144 4.28 -6.64 6.82
N LEU A 145 4.44 -5.43 7.36
CA LEU A 145 5.72 -4.76 7.35
C LEU A 145 6.02 -4.24 8.74
N SER A 146 7.28 -4.38 9.15
CA SER A 146 7.74 -3.86 10.44
C SER A 146 9.24 -3.64 10.35
N PRO A 147 9.80 -2.79 11.22
CA PRO A 147 11.23 -2.48 11.10
C PRO A 147 12.15 -3.60 11.54
N ASP A 148 11.68 -4.59 12.31
CA ASP A 148 12.54 -5.71 12.69
C ASP A 148 12.14 -7.04 12.07
N ALA A 149 11.12 -7.08 11.21
CA ALA A 149 10.59 -8.31 10.60
C ALA A 149 10.04 -9.27 11.64
N ARG A 150 9.43 -8.75 12.72
CA ARG A 150 8.86 -9.58 13.77
C ARG A 150 7.61 -10.34 13.28
N ASP A 151 7.19 -11.32 14.09
CA ASP A 151 5.98 -12.11 13.83
C ASP A 151 5.85 -12.57 12.38
N GLY A 152 6.96 -12.76 11.69
CA GLY A 152 6.89 -13.20 10.31
C GLY A 152 6.60 -12.13 9.29
N SER A 153 6.59 -10.87 9.71
CA SER A 153 6.50 -9.76 8.78
C SER A 153 7.76 -9.70 7.92
N LEU A 154 7.75 -8.76 6.97
CA LEU A 154 8.90 -8.38 6.16
C LEU A 154 9.52 -7.11 6.73
N LYS A 155 10.80 -6.91 6.42
CA LYS A 155 11.46 -5.68 6.85
C LYS A 155 11.04 -4.50 5.98
N VAL A 156 10.92 -3.34 6.60
CA VAL A 156 10.80 -2.06 5.88
C VAL A 156 11.74 -1.08 6.54
N HIS A 157 12.61 -0.45 5.76
CA HIS A 157 13.62 0.42 6.34
C HIS A 157 13.04 1.79 6.69
N GLN A 158 12.05 1.75 7.57
CA GLN A 158 11.41 2.92 8.14
C GLN A 158 10.73 2.50 9.43
N ASP A 159 10.61 3.45 10.35
CA ASP A 159 9.93 3.24 11.64
C ASP A 159 8.42 3.24 11.39
N MET A 160 7.93 2.13 10.87
CA MET A 160 6.50 2.02 10.61
C MET A 160 6.12 0.56 10.49
N GLU A 161 4.87 0.27 10.86
CA GLU A 161 4.30 -1.04 10.64
C GLU A 161 3.13 -0.93 9.69
N LEU A 162 2.80 -2.07 9.06
CA LEU A 162 1.68 -2.16 8.12
C LEU A 162 0.94 -3.47 8.35
N TYR A 163 -0.34 -3.35 8.75
CA TYR A 163 -1.18 -4.51 9.00
C TYR A 163 -2.18 -4.71 7.86
N ARG A 164 -2.45 -5.97 7.53
CA ARG A 164 -3.51 -6.32 6.59
C ARG A 164 -4.68 -6.88 7.40
N TRP A 165 -5.49 -5.96 7.94
CA TRP A 165 -6.61 -6.33 8.79
C TRP A 165 -7.76 -6.87 7.96
N ALA A 166 -8.19 -8.09 8.25
CA ALA A 166 -9.37 -8.69 7.63
C ALA A 166 -10.44 -8.85 8.69
N LEU A 167 -11.59 -8.22 8.48
CA LEU A 167 -12.64 -8.14 9.48
C LEU A 167 -13.95 -8.71 8.95
N LEU A 168 -14.70 -9.34 9.85
CA LEU A 168 -16.02 -9.86 9.50
C LEU A 168 -17.11 -8.90 9.98
N LYS A 169 -18.29 -9.05 9.38
CA LYS A 169 -19.36 -8.10 9.65
C LYS A 169 -19.65 -8.00 11.14
N ASP A 170 -19.71 -6.76 11.61
CA ASP A 170 -20.00 -6.33 12.98
C ASP A 170 -18.86 -6.57 13.94
N GLU A 171 -17.74 -7.09 13.44
CA GLU A 171 -16.54 -7.17 14.25
C GLU A 171 -16.07 -5.75 14.58
N GLN A 172 -15.25 -5.63 15.61
CA GLN A 172 -14.71 -4.32 15.95
C GLN A 172 -13.53 -4.46 16.90
N SER A 173 -12.33 -4.11 16.43
CA SER A 173 -11.13 -4.05 17.25
C SER A 173 -10.63 -2.61 17.36
N VAL A 174 -9.82 -2.38 18.39
CA VAL A 174 -9.18 -1.09 18.63
C VAL A 174 -7.71 -1.23 18.27
N HIS A 175 -7.13 -0.13 17.80
CA HIS A 175 -5.72 -0.09 17.48
C HIS A 175 -5.04 0.87 18.43
N GLN A 176 -3.96 0.39 19.06
CA GLN A 176 -3.40 1.02 20.26
C GLN A 176 -3.09 2.49 20.04
N ILE A 177 -2.52 2.82 18.87
CA ILE A 177 -1.96 4.12 18.47
C ILE A 177 -0.97 4.65 19.50
N ALA A 178 0.21 5.04 19.02
CA ALA A 178 1.33 5.30 19.90
C ALA A 178 1.34 6.75 20.35
N ALA A 179 2.53 7.32 20.49
CA ALA A 179 2.71 8.69 20.96
C ALA A 179 2.27 9.71 19.93
N GLU A 180 3.23 10.38 19.32
CA GLU A 180 2.94 11.38 18.32
C GLU A 180 2.78 10.75 16.93
N ARG A 181 2.46 9.47 16.88
CA ARG A 181 2.37 8.74 15.62
C ARG A 181 1.12 9.14 14.83
N ARG A 182 1.15 8.84 13.53
CA ARG A 182 0.04 9.08 12.60
C ARG A 182 -0.31 7.76 11.91
N VAL A 183 -1.53 7.67 11.37
CA VAL A 183 -2.06 6.42 10.81
C VAL A 183 -2.82 6.70 9.53
N TRP A 184 -2.65 5.82 8.55
CA TRP A 184 -3.45 5.79 7.34
C TRP A 184 -4.20 4.48 7.25
N ILE A 185 -5.50 4.55 7.07
CA ILE A 185 -6.30 3.39 6.68
C ILE A 185 -6.50 3.50 5.17
N GLN A 186 -6.35 2.39 4.48
CA GLN A 186 -6.72 2.27 3.07
C GLN A 186 -7.68 1.10 2.96
N VAL A 187 -8.96 1.39 2.71
CA VAL A 187 -9.97 0.35 2.67
C VAL A 187 -9.78 -0.44 1.38
N VAL A 188 -9.51 -1.73 1.50
CA VAL A 188 -9.23 -2.52 0.31
C VAL A 188 -10.52 -2.90 -0.38
N LYS A 189 -11.37 -3.66 0.30
CA LYS A 189 -12.75 -3.89 -0.09
C LYS A 189 -13.63 -3.68 1.15
N GLY A 190 -14.92 -3.50 0.91
CA GLY A 190 -15.91 -3.46 1.97
C GLY A 190 -16.30 -2.08 2.46
N ASN A 191 -16.89 -2.07 3.66
CA ASN A 191 -17.37 -0.87 4.35
C ASN A 191 -16.99 -0.94 5.82
N VAL A 192 -16.27 0.07 6.30
CA VAL A 192 -15.85 0.13 7.69
C VAL A 192 -16.33 1.45 8.29
N THR A 193 -16.13 1.60 9.59
CA THR A 193 -16.39 2.86 10.29
C THR A 193 -15.24 3.08 11.26
N ILE A 194 -14.47 4.15 11.08
CA ILE A 194 -13.33 4.43 11.95
C ILE A 194 -13.62 5.72 12.69
N ASN A 195 -13.58 5.66 14.03
CA ASN A 195 -13.75 6.80 14.93
C ASN A 195 -14.92 7.67 14.49
N GLY A 196 -15.96 7.06 13.92
CA GLY A 196 -17.15 7.77 13.51
C GLY A 196 -17.28 7.94 12.02
N VAL A 197 -16.20 7.77 11.28
CA VAL A 197 -16.16 8.13 9.87
C VAL A 197 -16.32 6.86 9.05
N LYS A 198 -17.40 6.80 8.28
CA LYS A 198 -17.62 5.68 7.36
C LYS A 198 -16.62 5.75 6.23
N ALA A 199 -16.25 4.58 5.72
CA ALA A 199 -15.36 4.52 4.57
C ALA A 199 -15.63 3.23 3.82
N SER A 200 -15.74 3.32 2.51
CA SER A 200 -16.01 2.15 1.69
C SER A 200 -14.76 1.80 0.90
N THR A 201 -14.85 0.74 0.08
CA THR A 201 -13.81 0.34 -0.85
C THR A 201 -13.06 1.52 -1.45
N SER A 202 -11.74 1.49 -1.33
CA SER A 202 -10.78 2.36 -1.96
C SER A 202 -10.73 3.75 -1.31
N ASP A 203 -11.58 4.04 -0.35
CA ASP A 203 -11.41 5.25 0.46
C ASP A 203 -10.13 5.16 1.27
N GLY A 204 -9.65 6.31 1.72
CA GLY A 204 -8.53 6.29 2.64
C GLY A 204 -8.77 7.30 3.73
N LEU A 205 -8.42 6.97 4.96
CA LEU A 205 -8.56 7.90 6.06
C LEU A 205 -7.20 8.16 6.64
N ALA A 206 -7.00 9.39 7.13
CA ALA A 206 -5.71 9.77 7.69
C ALA A 206 -5.94 10.34 9.06
N ILE A 207 -5.45 9.64 10.08
CA ILE A 207 -5.69 10.00 11.47
C ILE A 207 -4.39 10.48 12.08
N TRP A 208 -4.50 11.51 12.90
CA TRP A 208 -3.35 12.02 13.64
C TRP A 208 -3.86 12.77 14.86
N ASP A 209 -2.93 12.99 15.80
CA ASP A 209 -3.26 13.55 17.11
C ASP A 209 -4.50 12.86 17.69
N GLU A 210 -4.48 11.51 17.67
CA GLU A 210 -5.59 10.71 18.19
C GLU A 210 -5.05 9.59 19.05
N GLN A 211 -5.75 9.34 20.17
CA GLN A 211 -5.26 8.44 21.21
C GLN A 211 -5.62 6.98 20.98
N ALA A 212 -6.36 6.65 19.92
CA ALA A 212 -6.82 5.29 19.65
C ALA A 212 -7.69 5.28 18.40
N ILE A 213 -7.90 4.09 17.87
CA ILE A 213 -8.63 3.88 16.63
C ILE A 213 -9.63 2.76 16.88
N SER A 214 -10.91 3.08 16.86
CA SER A 214 -11.94 2.05 16.80
C SER A 214 -12.30 1.83 15.35
N ILE A 215 -12.25 0.59 14.91
CA ILE A 215 -12.60 0.26 13.53
C ILE A 215 -13.70 -0.78 13.56
N HIS A 216 -14.88 -0.40 13.05
CA HIS A 216 -16.10 -1.19 13.06
C HIS A 216 -16.39 -1.70 11.66
N ALA A 217 -16.12 -2.99 11.43
CA ALA A 217 -16.51 -3.59 10.16
C ALA A 217 -18.01 -3.48 9.93
N ASP A 218 -18.47 -2.44 9.24
CA ASP A 218 -19.87 -2.40 8.83
C ASP A 218 -20.24 -3.59 7.94
N SER A 219 -19.25 -4.33 7.43
CA SER A 219 -19.48 -5.53 6.64
C SER A 219 -18.17 -6.31 6.65
N ASP A 220 -18.17 -7.50 6.02
CA ASP A 220 -16.88 -8.15 5.77
C ASP A 220 -16.04 -7.22 4.89
N SER A 221 -14.83 -6.94 5.34
CA SER A 221 -13.99 -5.99 4.63
C SER A 221 -12.55 -6.16 5.07
N GLU A 222 -11.65 -5.91 4.14
CA GLU A 222 -10.22 -5.93 4.37
C GLU A 222 -9.69 -4.50 4.29
N VAL A 223 -8.80 -4.11 5.22
CA VAL A 223 -8.17 -2.81 5.19
C VAL A 223 -6.67 -2.95 5.36
N LEU A 224 -5.96 -1.89 4.96
CA LEU A 224 -4.52 -1.76 5.16
C LEU A 224 -4.27 -0.65 6.15
N LEU A 225 -3.49 -0.93 7.18
CA LEU A 225 -3.23 0.04 8.22
C LEU A 225 -1.75 0.39 8.23
N PHE A 226 -1.46 1.67 8.14
CA PHE A 226 -0.09 2.19 8.20
C PHE A 226 0.08 2.92 9.53
N ASP A 227 0.73 2.29 10.51
CA ASP A 227 1.15 3.03 11.70
C ASP A 227 2.46 3.71 11.37
N LEU A 228 2.46 5.04 11.39
CA LEU A 228 3.49 5.86 10.78
C LEU A 228 4.04 6.85 11.79
N PRO A 229 5.30 7.21 11.66
CA PRO A 229 5.98 7.99 12.70
C PRO A 229 5.67 9.48 12.55
N PRO A 230 5.92 10.29 13.61
CA PRO A 230 5.48 11.70 13.62
C PRO A 230 6.16 12.66 12.65
N VAL A 231 6.67 13.80 13.14
CA VAL A 231 7.09 14.91 12.26
C VAL A 231 8.28 15.74 12.79
NI NI B . 8.76 0.57 -10.77
#